data_5D6W
#
_entry.id   5D6W
#
_cell.length_a   190.644
_cell.length_b   190.644
_cell.length_c   116.956
_cell.angle_alpha   90.000
_cell.angle_beta   90.000
_cell.angle_gamma   120.000
#
_symmetry.space_group_name_H-M   'H 3 2'
#
loop_
_entity.id
_entity.type
_entity.pdbx_description
1 polymer 'Lysine-specific demethylase 4A'
2 non-polymer 'S,R MESO-TARTARIC ACID'
3 water water
#
_entity_poly.entity_id   1
_entity_poly.type   'polypeptide(L)'
_entity_poly.pdbx_seq_one_letter_code
;GSHMALQSITAGQKVISKHKNGRFYQCEVVRLTTETFYEVNFDDGSFSDNLYPEDIVSQDCLQFGPPAEGEVVQVRWTDG
QVYGAKFVASHPIQMYQVEFEDGSQLVVKRDDVYTLDEELP
;
_entity_poly.pdbx_strand_id   A,B,C,D
#
# COMPACT_ATOMS: atom_id res chain seq x y z
N GLN A 7 -6.43 -7.09 -9.10
CA GLN A 7 -7.84 -6.92 -9.44
C GLN A 7 -8.66 -6.56 -8.20
N SER A 8 -8.54 -7.36 -7.15
CA SER A 8 -9.24 -7.07 -5.91
C SER A 8 -8.57 -5.93 -5.13
N ILE A 9 -9.40 -5.08 -4.53
CA ILE A 9 -8.93 -3.97 -3.71
C ILE A 9 -9.19 -4.28 -2.25
N THR A 10 -8.20 -4.11 -1.38
CA THR A 10 -8.45 -4.41 0.03
C THR A 10 -8.29 -3.19 0.94
N ALA A 11 -8.91 -3.27 2.11
CA ALA A 11 -8.85 -2.20 3.08
C ALA A 11 -7.40 -1.95 3.48
N GLY A 12 -7.04 -0.69 3.61
CA GLY A 12 -5.70 -0.28 3.98
C GLY A 12 -4.81 0.00 2.77
N GLN A 13 -5.32 -0.31 1.57
CA GLN A 13 -4.52 -0.17 0.37
C GLN A 13 -4.48 1.26 -0.17
N LYS A 14 -3.30 1.76 -0.52
CA LYS A 14 -3.23 3.04 -1.24
C LYS A 14 -3.68 2.81 -2.68
N VAL A 15 -4.58 3.67 -3.13
CA VAL A 15 -5.12 3.60 -4.48
C VAL A 15 -5.24 5.01 -5.05
N ILE A 16 -5.74 5.11 -6.28
CA ILE A 16 -5.95 6.41 -6.91
C ILE A 16 -7.43 6.54 -7.27
N SER A 17 -8.02 7.69 -6.98
CA SER A 17 -9.44 7.89 -7.27
C SER A 17 -9.75 9.38 -7.31
N LYS A 18 -10.90 9.73 -7.88
CA LYS A 18 -11.27 11.14 -7.95
C LYS A 18 -11.76 11.70 -6.60
N HIS A 19 -11.05 12.72 -6.13
CA HIS A 19 -11.46 13.58 -5.01
C HIS A 19 -12.78 14.29 -5.35
N LYS A 20 -13.44 14.86 -4.35
CA LYS A 20 -14.66 15.62 -4.63
C LYS A 20 -14.40 16.83 -5.53
N ASN A 21 -13.16 17.31 -5.58
CA ASN A 21 -12.88 18.46 -6.44
C ASN A 21 -12.80 18.07 -7.92
N GLY A 22 -12.88 16.76 -8.18
CA GLY A 22 -12.95 16.24 -9.54
C GLY A 22 -11.66 15.75 -10.16
N ARG A 23 -10.54 15.85 -9.44
CA ARG A 23 -9.28 15.37 -9.96
C ARG A 23 -8.84 14.07 -9.29
N PHE A 24 -8.01 13.30 -9.98
CA PHE A 24 -7.43 12.09 -9.41
C PHE A 24 -6.35 12.42 -8.42
N TYR A 25 -6.42 11.79 -7.25
CA TYR A 25 -5.39 11.84 -6.21
C TYR A 25 -5.18 10.45 -5.63
N GLN A 26 -4.03 10.24 -5.01
CA GLN A 26 -3.86 9.06 -4.18
C GLN A 26 -4.81 9.15 -2.98
N CYS A 27 -5.45 8.04 -2.65
CA CYS A 27 -6.24 7.96 -1.42
C CYS A 27 -6.01 6.59 -0.81
N GLU A 28 -6.58 6.35 0.36
CA GLU A 28 -6.43 5.06 1.00
C GLU A 28 -7.81 4.44 1.24
N VAL A 29 -7.96 3.14 0.96
CA VAL A 29 -9.22 2.47 1.23
C VAL A 29 -9.36 2.28 2.75
N VAL A 30 -10.36 2.94 3.32
CA VAL A 30 -10.67 2.89 4.76
C VAL A 30 -11.38 1.60 5.13
N ARG A 31 -12.30 1.20 4.26
CA ARG A 31 -13.22 0.13 4.59
C ARG A 31 -13.94 -0.32 3.33
N LEU A 32 -14.31 -1.60 3.27
CA LEU A 32 -15.20 -2.10 2.23
C LEU A 32 -16.62 -2.09 2.81
N THR A 33 -17.54 -1.40 2.16
CA THR A 33 -18.91 -1.32 2.67
C THR A 33 -19.84 -2.08 1.75
N THR A 34 -21.04 -2.37 2.22
CA THR A 34 -22.08 -2.87 1.33
C THR A 34 -23.24 -1.88 1.28
N GLU A 35 -23.54 -1.42 0.07
CA GLU A 35 -24.62 -0.48 -0.15
C GLU A 35 -25.79 -1.18 -0.82
N THR A 36 -26.97 -1.08 -0.22
CA THR A 36 -28.15 -1.70 -0.81
C THR A 36 -29.01 -0.68 -1.54
N PHE A 37 -29.17 -0.88 -2.85
CA PHE A 37 -30.02 -0.02 -3.66
C PHE A 37 -31.34 -0.69 -4.01
N TYR A 38 -32.41 0.10 -4.02
CA TYR A 38 -33.73 -0.39 -4.39
C TYR A 38 -34.09 0.09 -5.80
N GLU A 39 -34.76 -0.78 -6.55
CA GLU A 39 -35.28 -0.43 -7.86
C GLU A 39 -36.80 -0.38 -7.82
N VAL A 40 -37.37 0.64 -8.42
CA VAL A 40 -38.83 0.79 -8.43
C VAL A 40 -39.30 1.31 -9.78
N ASN A 41 -40.54 0.96 -10.13
CA ASN A 41 -41.28 1.54 -11.26
C ASN A 41 -42.25 2.54 -10.73
N PHE A 42 -42.08 3.81 -11.09
CA PHE A 42 -43.04 4.84 -10.70
C PHE A 42 -44.37 4.64 -11.43
N ASP A 43 -45.44 5.21 -10.89
CA ASP A 43 -46.77 5.05 -11.47
C ASP A 43 -46.87 5.57 -12.91
N ASP A 44 -45.99 6.50 -13.30
CA ASP A 44 -46.03 6.94 -14.68
C ASP A 44 -45.23 6.02 -15.60
N GLY A 45 -44.61 4.99 -15.02
CA GLY A 45 -43.82 4.06 -15.82
C GLY A 45 -42.33 4.36 -15.87
N SER A 46 -41.90 5.48 -15.29
CA SER A 46 -40.47 5.77 -15.21
C SER A 46 -39.82 4.82 -14.19
N PHE A 47 -38.52 4.58 -14.37
CA PHE A 47 -37.81 3.56 -13.59
C PHE A 47 -36.64 4.16 -12.83
N SER A 48 -36.48 3.76 -11.57
CA SER A 48 -35.33 4.18 -10.78
C SER A 48 -34.53 2.96 -10.31
N ASP A 49 -33.21 3.03 -10.40
CA ASP A 49 -32.40 1.87 -10.06
C ASP A 49 -31.54 2.10 -8.83
N ASN A 50 -31.67 3.26 -8.19
CA ASN A 50 -30.75 3.57 -7.10
C ASN A 50 -31.37 4.32 -5.93
N LEU A 51 -32.57 3.90 -5.56
CA LEU A 51 -33.18 4.38 -4.32
C LEU A 51 -32.47 3.78 -3.12
N TYR A 52 -32.47 4.49 -2.00
CA TYR A 52 -32.05 3.92 -0.73
C TYR A 52 -33.25 3.38 0.01
N PRO A 53 -33.06 2.33 0.81
CA PRO A 53 -34.16 1.74 1.58
C PRO A 53 -34.97 2.78 2.37
N GLU A 54 -34.31 3.78 2.94
CA GLU A 54 -35.01 4.81 3.72
C GLU A 54 -35.91 5.71 2.87
N ASP A 55 -35.74 5.70 1.55
CA ASP A 55 -36.56 6.51 0.65
C ASP A 55 -37.97 5.93 0.44
N ILE A 56 -38.15 4.67 0.83
CA ILE A 56 -39.51 4.09 0.85
C ILE A 56 -40.24 4.64 2.06
N VAL A 57 -41.35 5.36 1.85
CA VAL A 57 -42.00 6.02 2.98
C VAL A 57 -43.38 5.42 3.31
N SER A 58 -43.72 4.33 2.63
CA SER A 58 -44.96 3.63 2.94
C SER A 58 -44.75 2.45 3.88
N GLN A 59 -43.49 2.13 4.16
CA GLN A 59 -43.13 1.09 5.13
C GLN A 59 -41.70 1.31 5.60
N ASP A 60 -41.31 0.61 6.65
CA ASP A 60 -40.01 0.81 7.29
C ASP A 60 -39.03 -0.26 6.83
N CYS A 61 -38.37 -0.01 5.71
CA CYS A 61 -37.51 -1.03 5.11
C CYS A 61 -36.17 -1.14 5.84
N LEU A 62 -35.73 -0.05 6.47
CA LEU A 62 -34.50 -0.13 7.27
C LEU A 62 -34.73 -1.13 8.40
N GLN A 63 -35.95 -1.19 8.91
CA GLN A 63 -36.24 -2.07 10.04
C GLN A 63 -36.71 -3.46 9.60
N PHE A 64 -37.50 -3.53 8.54
CA PHE A 64 -38.10 -4.81 8.18
C PHE A 64 -37.69 -5.33 6.80
N GLY A 65 -36.68 -4.73 6.20
CA GLY A 65 -36.18 -5.21 4.92
C GLY A 65 -37.02 -4.73 3.75
N PRO A 66 -36.67 -5.18 2.54
CA PRO A 66 -37.31 -4.66 1.33
C PRO A 66 -38.77 -5.05 1.19
N PRO A 67 -39.55 -4.27 0.42
CA PRO A 67 -40.92 -4.70 0.18
C PRO A 67 -40.95 -5.97 -0.68
N ALA A 68 -42.11 -6.58 -0.78
CA ALA A 68 -42.26 -7.75 -1.63
C ALA A 68 -42.14 -7.31 -3.09
N GLU A 69 -41.63 -8.19 -3.95
CA GLU A 69 -41.53 -7.88 -5.37
C GLU A 69 -42.91 -7.52 -5.90
N GLY A 70 -43.01 -6.40 -6.62
CA GLY A 70 -44.28 -5.94 -7.16
C GLY A 70 -45.16 -5.11 -6.23
N GLU A 71 -44.80 -5.03 -4.95
CA GLU A 71 -45.63 -4.37 -3.95
C GLU A 71 -45.78 -2.85 -4.21
N VAL A 72 -46.99 -2.33 -4.05
CA VAL A 72 -47.22 -0.90 -4.14
C VAL A 72 -46.49 -0.18 -3.01
N VAL A 73 -45.76 0.89 -3.35
CA VAL A 73 -45.04 1.68 -2.34
C VAL A 73 -45.16 3.18 -2.61
N GLN A 74 -44.82 4.00 -1.63
CA GLN A 74 -44.61 5.42 -1.90
C GLN A 74 -43.16 5.75 -1.62
N VAL A 75 -42.57 6.60 -2.46
CA VAL A 75 -41.16 6.90 -2.33
C VAL A 75 -40.98 8.41 -2.27
N ARG A 76 -40.08 8.85 -1.41
CA ARG A 76 -39.68 10.23 -1.33
C ARG A 76 -38.53 10.43 -2.30
N TRP A 77 -38.73 11.26 -3.33
CA TRP A 77 -37.75 11.40 -4.40
C TRP A 77 -36.74 12.49 -4.04
N THR A 78 -35.73 12.65 -4.90
CA THR A 78 -34.65 13.60 -4.64
C THR A 78 -35.11 15.05 -4.73
N ASP A 79 -36.34 15.25 -5.21
CA ASP A 79 -36.92 16.58 -5.22
C ASP A 79 -37.72 16.84 -3.93
N GLY A 80 -37.65 15.90 -2.99
CA GLY A 80 -38.37 16.04 -1.73
C GLY A 80 -39.87 15.74 -1.83
N GLN A 81 -40.33 15.39 -3.02
CA GLN A 81 -41.74 15.05 -3.21
C GLN A 81 -41.99 13.55 -3.10
N VAL A 82 -43.24 13.17 -2.86
CA VAL A 82 -43.62 11.76 -2.70
C VAL A 82 -44.36 11.26 -3.93
N TYR A 83 -43.96 10.09 -4.42
CA TYR A 83 -44.56 9.49 -5.59
C TYR A 83 -45.00 8.05 -5.33
N GLY A 84 -46.04 7.61 -6.03
CA GLY A 84 -46.52 6.25 -5.97
C GLY A 84 -45.64 5.39 -6.86
N ALA A 85 -45.34 4.17 -6.41
CA ALA A 85 -44.51 3.28 -7.22
C ALA A 85 -44.80 1.81 -6.91
N LYS A 86 -44.14 0.93 -7.65
CA LYS A 86 -44.16 -0.51 -7.37
C LYS A 86 -42.73 -1.01 -7.18
N PHE A 87 -42.48 -1.77 -6.12
CA PHE A 87 -41.12 -2.26 -5.86
C PHE A 87 -40.70 -3.29 -6.90
N VAL A 88 -39.49 -3.14 -7.43
CA VAL A 88 -38.98 -4.07 -8.44
C VAL A 88 -37.96 -5.05 -7.85
N ALA A 89 -36.85 -4.54 -7.31
CA ALA A 89 -35.78 -5.42 -6.81
C ALA A 89 -34.87 -4.68 -5.85
N SER A 90 -34.12 -5.46 -5.07
CA SER A 90 -33.10 -4.91 -4.18
C SER A 90 -31.75 -5.45 -4.67
N HIS A 91 -30.72 -4.62 -4.63
N HIS A 91 -30.73 -4.60 -4.54
CA HIS A 91 -29.44 -5.04 -5.20
CA HIS A 91 -29.44 -4.74 -5.22
C HIS A 91 -28.29 -4.43 -4.41
C HIS A 91 -28.28 -4.31 -4.31
N PRO A 92 -27.65 -5.27 -3.59
CA PRO A 92 -26.49 -4.90 -2.78
C PRO A 92 -25.23 -4.77 -3.64
N ILE A 93 -24.44 -3.73 -3.39
CA ILE A 93 -23.23 -3.48 -4.14
C ILE A 93 -22.03 -3.26 -3.22
N GLN A 94 -20.98 -4.03 -3.46
CA GLN A 94 -19.71 -3.83 -2.78
C GLN A 94 -19.12 -2.47 -3.14
N MET A 95 -18.87 -1.62 -2.15
CA MET A 95 -18.20 -0.35 -2.46
C MET A 95 -17.03 -0.06 -1.51
N TYR A 96 -16.33 1.03 -1.79
CA TYR A 96 -15.04 1.33 -1.17
C TYR A 96 -15.08 2.71 -0.57
N GLN A 97 -14.96 2.77 0.75
CA GLN A 97 -14.83 4.04 1.42
C GLN A 97 -13.36 4.44 1.38
N VAL A 98 -13.07 5.57 0.73
CA VAL A 98 -11.69 6.03 0.58
C VAL A 98 -11.47 7.34 1.33
N GLU A 99 -10.24 7.54 1.78
CA GLU A 99 -9.88 8.79 2.45
C GLU A 99 -8.70 9.45 1.74
N PHE A 100 -8.85 10.75 1.46
CA PHE A 100 -7.79 11.52 0.81
C PHE A 100 -6.88 12.22 1.82
N GLU A 101 -5.80 12.82 1.32
N GLU A 101 -5.80 12.79 1.30
CA GLU A 101 -4.80 13.46 2.19
CA GLU A 101 -4.80 13.52 2.07
C GLU A 101 -5.42 14.53 3.08
C GLU A 101 -5.41 14.53 3.04
N ASP A 102 -6.43 15.24 2.58
CA ASP A 102 -7.04 16.31 3.36
C ASP A 102 -8.07 15.79 4.36
N GLY A 103 -8.24 14.47 4.43
CA GLY A 103 -9.17 13.90 5.38
C GLY A 103 -10.58 13.72 4.85
N SER A 104 -10.86 14.27 3.67
CA SER A 104 -12.17 14.06 3.04
C SER A 104 -12.36 12.60 2.66
N GLN A 105 -13.62 12.16 2.64
CA GLN A 105 -13.93 10.77 2.31
C GLN A 105 -15.03 10.66 1.28
N LEU A 106 -15.00 9.57 0.52
CA LEU A 106 -16.01 9.23 -0.45
C LEU A 106 -16.26 7.74 -0.39
N VAL A 107 -17.46 7.33 -0.81
CA VAL A 107 -17.79 5.92 -0.97
C VAL A 107 -17.98 5.67 -2.45
N VAL A 108 -17.10 4.87 -3.04
CA VAL A 108 -17.05 4.77 -4.49
C VAL A 108 -17.15 3.34 -5.01
N LYS A 109 -17.45 3.22 -6.30
CA LYS A 109 -17.59 1.91 -6.92
C LYS A 109 -16.23 1.37 -7.34
N ARG A 110 -16.15 0.05 -7.56
CA ARG A 110 -14.90 -0.60 -7.93
C ARG A 110 -14.26 0.05 -9.17
N ASP A 111 -15.09 0.42 -10.14
CA ASP A 111 -14.61 0.96 -11.41
C ASP A 111 -13.97 2.34 -11.29
N ASP A 112 -14.26 3.03 -10.20
CA ASP A 112 -13.68 4.36 -9.97
C ASP A 112 -12.38 4.32 -9.16
N VAL A 113 -11.88 3.11 -8.88
CA VAL A 113 -10.64 2.96 -8.13
C VAL A 113 -9.57 2.41 -9.04
N TYR A 114 -8.36 2.95 -8.92
CA TYR A 114 -7.23 2.52 -9.73
C TYR A 114 -6.07 2.16 -8.83
N THR A 115 -5.30 1.14 -9.21
CA THR A 115 -4.10 0.80 -8.45
C THR A 115 -2.95 1.70 -8.89
N LEU A 116 -1.93 1.83 -8.04
CA LEU A 116 -0.84 2.78 -8.33
C LEU A 116 -0.07 2.46 -9.61
N ASP A 117 -0.07 1.18 -10.01
CA ASP A 117 0.69 0.75 -11.16
C ASP A 117 -0.03 0.96 -12.48
N GLU A 118 -1.31 1.32 -12.44
CA GLU A 118 -2.05 1.32 -13.69
C GLU A 118 -2.23 2.71 -14.29
N GLU A 119 -2.31 2.74 -15.61
CA GLU A 119 -2.49 3.96 -16.37
C GLU A 119 -3.85 4.57 -16.05
N LEU A 120 -3.90 5.88 -15.87
CA LEU A 120 -5.20 6.50 -15.63
C LEU A 120 -5.77 6.89 -16.99
N PRO A 121 -7.00 6.47 -17.27
CA PRO A 121 -7.58 6.73 -18.57
C PRO A 121 -8.18 8.10 -18.58
N GLN B 7 5.64 15.50 -19.28
CA GLN B 7 7.07 15.28 -19.54
C GLN B 7 7.99 15.92 -18.50
N SER B 8 7.90 17.24 -18.31
CA SER B 8 8.72 17.88 -17.30
C SER B 8 8.16 17.62 -15.91
N ILE B 9 9.05 17.42 -14.95
CA ILE B 9 8.66 17.22 -13.56
C ILE B 9 9.04 18.49 -12.81
N THR B 10 8.13 19.03 -12.01
CA THR B 10 8.48 20.25 -11.26
C THR B 10 8.43 20.05 -9.75
N ALA B 11 9.13 20.93 -9.04
CA ALA B 11 9.15 20.87 -7.60
C ALA B 11 7.74 21.05 -7.03
N GLY B 12 7.42 20.27 -6.02
CA GLY B 12 6.12 20.29 -5.37
C GLY B 12 5.14 19.28 -5.95
N GLN B 13 5.56 18.61 -7.02
CA GLN B 13 4.68 17.66 -7.70
C GLN B 13 4.66 16.28 -7.03
N LYS B 14 3.47 15.73 -6.82
CA LYS B 14 3.37 14.34 -6.38
C LYS B 14 3.72 13.45 -7.57
N VAL B 15 4.61 12.50 -7.33
CA VAL B 15 5.03 11.56 -8.35
C VAL B 15 5.16 10.16 -7.74
N ILE B 16 5.57 9.20 -8.54
CA ILE B 16 5.78 7.83 -8.06
C ILE B 16 7.22 7.43 -8.32
N SER B 17 7.89 6.85 -7.32
CA SER B 17 9.29 6.44 -7.48
C SER B 17 9.64 5.38 -6.43
N LYS B 18 10.75 4.69 -6.63
CA LYS B 18 11.17 3.66 -5.68
C LYS B 18 11.77 4.22 -4.41
N HIS B 19 11.13 3.87 -3.30
CA HIS B 19 11.64 4.06 -1.94
C HIS B 19 12.96 3.30 -1.76
N LYS B 20 13.70 3.59 -0.69
CA LYS B 20 14.93 2.85 -0.45
C LYS B 20 14.66 1.36 -0.19
N ASN B 21 13.43 1.01 0.19
CA ASN B 21 13.12 -0.40 0.43
C ASN B 21 12.92 -1.17 -0.89
N GLY B 22 12.96 -0.44 -2.01
CA GLY B 22 12.91 -1.07 -3.32
C GLY B 22 11.55 -1.14 -4.00
N ARG B 23 10.53 -0.63 -3.32
N ARG B 23 10.51 -0.67 -3.32
CA ARG B 23 9.18 -0.63 -3.87
CA ARG B 23 9.19 -0.63 -3.93
C ARG B 23 8.75 0.76 -4.33
C ARG B 23 8.78 0.75 -4.38
N PHE B 24 7.83 0.80 -5.30
CA PHE B 24 7.25 2.06 -5.75
C PHE B 24 6.24 2.58 -4.74
N TYR B 25 6.38 3.87 -4.40
CA TYR B 25 5.44 4.61 -3.57
C TYR B 25 5.22 6.01 -4.17
N GLN B 26 4.12 6.65 -3.81
CA GLN B 26 3.98 8.05 -4.10
C GLN B 26 5.02 8.83 -3.30
N CYS B 27 5.65 9.82 -3.93
CA CYS B 27 6.52 10.73 -3.19
C CYS B 27 6.29 12.12 -3.74
N GLU B 28 6.94 13.11 -3.14
CA GLU B 28 6.80 14.48 -3.62
C GLU B 28 8.17 15.02 -4.00
N VAL B 29 8.27 15.69 -5.14
CA VAL B 29 9.52 16.31 -5.52
C VAL B 29 9.75 17.55 -4.64
N VAL B 30 10.81 17.49 -3.84
CA VAL B 30 11.21 18.57 -2.92
C VAL B 30 11.95 19.69 -3.66
N ARG B 31 12.79 19.30 -4.61
CA ARG B 31 13.71 20.24 -5.22
C ARG B 31 14.32 19.62 -6.47
N LEU B 32 14.65 20.46 -7.45
CA LEU B 32 15.45 20.01 -8.59
C LEU B 32 16.90 20.37 -8.29
N THR B 33 17.79 19.39 -8.33
CA THR B 33 19.20 19.63 -8.01
C THR B 33 20.03 19.48 -9.26
N THR B 34 21.27 19.97 -9.21
CA THR B 34 22.22 19.66 -10.26
C THR B 34 23.40 18.89 -9.65
N GLU B 35 23.62 17.69 -10.15
CA GLU B 35 24.73 16.85 -9.70
C GLU B 35 25.82 16.82 -10.78
N THR B 36 27.05 17.14 -10.38
CA THR B 36 28.15 17.13 -11.32
C THR B 36 28.99 15.85 -11.17
N PHE B 37 29.04 15.05 -12.23
CA PHE B 37 29.86 13.84 -12.22
C PHE B 37 31.13 14.03 -13.03
N TYR B 38 32.22 13.44 -12.53
CA TYR B 38 33.49 13.47 -13.24
C TYR B 38 33.76 12.12 -13.90
N GLU B 39 34.34 12.16 -15.09
CA GLU B 39 34.76 10.95 -15.79
C GLU B 39 36.27 10.90 -15.85
N VAL B 40 36.84 9.73 -15.56
CA VAL B 40 38.28 9.57 -15.58
C VAL B 40 38.68 8.22 -16.15
N ASN B 41 39.86 8.20 -16.74
CA ASN B 41 40.54 6.98 -17.15
C ASN B 41 41.60 6.64 -16.12
N PHE B 42 41.43 5.49 -15.46
CA PHE B 42 42.43 5.01 -14.53
C PHE B 42 43.69 4.57 -15.27
N ASP B 43 44.80 4.51 -14.55
CA ASP B 43 46.08 4.18 -15.16
C ASP B 43 46.10 2.79 -15.80
N ASP B 44 45.23 1.88 -15.36
CA ASP B 44 45.18 0.58 -16.00
C ASP B 44 44.27 0.58 -17.23
N GLY B 45 43.67 1.72 -17.53
CA GLY B 45 42.79 1.81 -18.69
C GLY B 45 41.30 1.64 -18.39
N SER B 46 40.95 1.30 -17.16
CA SER B 46 39.54 1.22 -16.79
C SER B 46 38.95 2.63 -16.72
N PHE B 47 37.65 2.74 -16.91
CA PHE B 47 36.96 4.03 -17.04
C PHE B 47 35.87 4.19 -16.00
N SER B 48 35.79 5.37 -15.39
CA SER B 48 34.71 5.69 -14.47
C SER B 48 33.92 6.88 -14.98
N ASP B 49 32.61 6.81 -14.91
CA ASP B 49 31.79 7.89 -15.44
C ASP B 49 31.01 8.64 -14.35
N ASN B 50 31.24 8.29 -13.09
CA ASN B 50 30.40 8.88 -12.04
C ASN B 50 31.14 9.17 -10.74
N LEU B 51 32.36 9.69 -10.88
CA LEU B 51 33.10 10.23 -9.75
C LEU B 51 32.47 11.54 -9.29
N TYR B 52 32.58 11.84 -8.00
CA TYR B 52 32.25 13.16 -7.50
C TYR B 52 33.49 14.04 -7.48
N PRO B 53 33.31 15.35 -7.67
CA PRO B 53 34.44 16.29 -7.64
C PRO B 53 35.33 16.12 -6.40
N GLU B 54 34.72 15.85 -5.23
CA GLU B 54 35.51 15.68 -4.01
C GLU B 54 36.40 14.42 -4.01
N ASP B 55 36.14 13.49 -4.92
CA ASP B 55 36.94 12.25 -5.02
C ASP B 55 38.29 12.47 -5.71
N ILE B 56 38.46 13.63 -6.34
CA ILE B 56 39.78 14.00 -6.86
C ILE B 56 40.64 14.45 -5.68
N VAL B 57 41.74 13.75 -5.39
CA VAL B 57 42.49 14.09 -4.19
C VAL B 57 43.86 14.69 -4.49
N SER B 58 44.12 14.95 -5.77
CA SER B 58 45.36 15.62 -6.15
C SER B 58 45.16 17.13 -6.32
N GLN B 59 43.92 17.59 -6.27
CA GLN B 59 43.62 19.02 -6.32
C GLN B 59 42.23 19.25 -5.74
N ASP B 60 41.90 20.50 -5.47
CA ASP B 60 40.66 20.84 -4.79
C ASP B 60 39.61 21.30 -5.80
N CYS B 61 38.87 20.35 -6.34
CA CYS B 61 37.93 20.65 -7.43
C CYS B 61 36.65 21.29 -6.91
N LEU B 62 36.28 21.01 -5.65
CA LEU B 62 35.13 21.67 -5.07
C LEU B 62 35.38 23.17 -5.05
N GLN B 63 36.64 23.55 -4.83
CA GLN B 63 36.99 24.96 -4.71
C GLN B 63 37.38 25.60 -6.05
N PHE B 64 38.10 24.88 -6.90
CA PHE B 64 38.65 25.50 -8.10
C PHE B 64 38.14 24.90 -9.41
N GLY B 65 37.09 24.09 -9.33
CA GLY B 65 36.48 23.51 -10.51
C GLY B 65 37.25 22.30 -11.01
N PRO B 66 36.81 21.73 -12.13
CA PRO B 66 37.37 20.47 -12.64
C PRO B 66 38.80 20.59 -13.13
N PRO B 67 39.54 19.46 -13.16
CA PRO B 67 40.87 19.54 -13.76
C PRO B 67 40.76 19.80 -15.26
N ALA B 68 41.88 20.13 -15.87
CA ALA B 68 41.91 20.32 -17.31
C ALA B 68 41.70 18.97 -17.98
N GLU B 69 41.09 18.96 -19.17
CA GLU B 69 40.90 17.72 -19.90
C GLU B 69 42.25 17.04 -20.12
N GLY B 70 42.34 15.76 -19.80
CA GLY B 70 43.58 15.00 -19.95
C GLY B 70 44.55 15.08 -18.77
N GLU B 71 44.30 15.96 -17.81
CA GLU B 71 45.23 16.20 -16.71
C GLU B 71 45.41 14.96 -15.83
N VAL B 72 46.66 14.68 -15.43
CA VAL B 72 46.92 13.61 -14.48
C VAL B 72 46.31 13.96 -13.12
N VAL B 73 45.61 12.99 -12.51
CA VAL B 73 44.99 13.17 -11.20
C VAL B 73 45.14 11.94 -10.32
N GLN B 74 44.91 12.11 -9.01
CA GLN B 74 44.73 10.96 -8.14
C GLN B 74 43.31 10.94 -7.62
N VAL B 75 42.78 9.74 -7.51
CA VAL B 75 41.38 9.55 -7.20
C VAL B 75 41.24 8.63 -6.00
N ARG B 76 40.37 9.02 -5.08
CA ARG B 76 39.98 8.17 -3.97
C ARG B 76 38.78 7.35 -4.40
N TRP B 77 38.94 6.04 -4.51
CA TRP B 77 37.87 5.21 -5.08
C TRP B 77 36.94 4.72 -3.96
N THR B 78 35.86 4.03 -4.35
CA THR B 78 34.84 3.59 -3.40
C THR B 78 35.35 2.51 -2.44
N ASP B 79 36.53 1.97 -2.72
CA ASP B 79 37.16 1.03 -1.82
C ASP B 79 38.06 1.74 -0.82
N GLY B 80 38.03 3.07 -0.83
CA GLY B 80 38.85 3.86 0.07
C GLY B 80 40.32 3.95 -0.31
N GLN B 81 40.70 3.33 -1.42
CA GLN B 81 42.08 3.39 -1.89
C GLN B 81 42.28 4.51 -2.93
N VAL B 82 43.53 4.89 -3.13
CA VAL B 82 43.87 5.97 -4.06
C VAL B 82 44.49 5.41 -5.34
N TYR B 83 44.00 5.90 -6.48
CA TYR B 83 44.47 5.45 -7.78
C TYR B 83 44.90 6.60 -8.69
N GLY B 84 45.85 6.33 -9.57
CA GLY B 84 46.31 7.29 -10.55
C GLY B 84 45.31 7.31 -11.70
N ALA B 85 45.02 8.48 -12.25
CA ALA B 85 44.10 8.56 -13.38
C ALA B 85 44.37 9.77 -14.25
N LYS B 86 43.63 9.87 -15.34
CA LYS B 86 43.61 11.07 -16.18
C LYS B 86 42.18 11.55 -16.28
N PHE B 87 41.98 12.85 -16.09
CA PHE B 87 40.65 13.42 -16.16
C PHE B 87 40.11 13.43 -17.57
N VAL B 88 38.88 12.97 -17.75
CA VAL B 88 38.28 12.95 -19.09
C VAL B 88 37.27 14.10 -19.29
N ALA B 89 36.24 14.17 -18.47
CA ALA B 89 35.19 15.17 -18.66
C ALA B 89 34.36 15.36 -17.40
N SER B 90 33.66 16.49 -17.37
CA SER B 90 32.70 16.79 -16.32
C SER B 90 31.33 16.90 -16.99
N HIS B 91 30.29 16.42 -16.29
N HIS B 91 30.29 16.34 -16.40
CA HIS B 91 28.94 16.35 -16.84
CA HIS B 91 28.98 16.61 -16.98
C HIS B 91 27.87 16.58 -15.76
C HIS B 91 27.88 16.59 -15.93
N PRO B 92 27.23 17.75 -15.77
CA PRO B 92 26.16 18.07 -14.83
C PRO B 92 24.87 17.33 -15.21
N ILE B 93 24.18 16.79 -14.21
CA ILE B 93 22.93 16.06 -14.46
C ILE B 93 21.81 16.64 -13.61
N GLN B 94 20.73 17.02 -14.28
CA GLN B 94 19.52 17.43 -13.60
C GLN B 94 18.93 16.25 -12.83
N MET B 95 18.77 16.37 -11.52
CA MET B 95 18.12 15.31 -10.78
C MET B 95 17.03 15.80 -9.83
N TYR B 96 16.35 14.87 -9.18
CA TYR B 96 15.13 15.17 -8.44
C TYR B 96 15.26 14.66 -7.03
N GLN B 97 15.24 15.57 -6.07
CA GLN B 97 15.20 15.19 -4.67
C GLN B 97 13.73 14.93 -4.31
N VAL B 98 13.44 13.70 -3.93
CA VAL B 98 12.07 13.31 -3.60
C VAL B 98 11.93 12.96 -2.13
N GLU B 99 10.74 13.19 -1.58
CA GLU B 99 10.47 12.83 -0.20
C GLU B 99 9.27 11.89 -0.10
N PHE B 100 9.43 10.80 0.63
CA PHE B 100 8.35 9.84 0.83
C PHE B 100 7.54 10.13 2.09
N GLU B 101 6.47 9.36 2.26
N GLU B 101 6.43 9.40 2.25
CA GLU B 101 5.53 9.51 3.35
CA GLU B 101 5.53 9.60 3.38
C GLU B 101 6.19 9.44 4.71
C GLU B 101 6.24 9.50 4.73
N ASP B 102 7.20 8.58 4.83
CA ASP B 102 7.88 8.37 6.09
C ASP B 102 8.97 9.41 6.35
N GLY B 103 9.12 10.38 5.45
CA GLY B 103 10.11 11.41 5.62
C GLY B 103 11.46 11.10 5.00
N SER B 104 11.67 9.86 4.55
CA SER B 104 12.92 9.52 3.87
C SER B 104 13.02 10.25 2.53
N GLN B 105 14.25 10.53 2.11
CA GLN B 105 14.48 11.25 0.87
C GLN B 105 15.53 10.55 0.01
N LEU B 106 15.43 10.75 -1.31
CA LEU B 106 16.38 10.23 -2.27
C LEU B 106 16.58 11.29 -3.34
N VAL B 107 17.72 11.23 -4.01
CA VAL B 107 18.01 12.06 -5.18
C VAL B 107 18.06 11.16 -6.40
N VAL B 108 17.11 11.32 -7.32
CA VAL B 108 16.96 10.33 -8.39
C VAL B 108 16.98 10.95 -9.78
N LYS B 109 17.17 10.10 -10.78
CA LYS B 109 17.23 10.56 -12.16
C LYS B 109 15.83 10.67 -12.75
N ARG B 110 15.70 11.41 -13.84
CA ARG B 110 14.39 11.63 -14.47
C ARG B 110 13.69 10.32 -14.81
N ASP B 111 14.45 9.34 -15.27
CA ASP B 111 13.88 8.08 -15.74
C ASP B 111 13.32 7.23 -14.58
N ASP B 112 13.74 7.53 -13.36
CA ASP B 112 13.24 6.81 -12.19
C ASP B 112 11.97 7.46 -11.58
N VAL B 113 11.47 8.49 -12.24
CA VAL B 113 10.28 9.17 -11.74
C VAL B 113 9.12 8.93 -12.68
N TYR B 114 7.96 8.68 -12.11
CA TYR B 114 6.73 8.45 -12.88
C TYR B 114 5.63 9.39 -12.42
N THR B 115 4.79 9.85 -13.35
CA THR B 115 3.65 10.67 -12.98
C THR B 115 2.48 9.76 -12.57
N LEU B 116 1.52 10.31 -11.82
CA LEU B 116 0.43 9.49 -11.26
C LEU B 116 -0.43 8.81 -12.32
N ASP B 117 -0.50 9.41 -13.51
CA ASP B 117 -1.36 8.90 -14.56
C ASP B 117 -0.72 7.78 -15.37
N GLU B 118 0.57 7.52 -15.16
CA GLU B 118 1.20 6.59 -16.08
C GLU B 118 1.38 5.18 -15.51
N GLU B 119 1.37 4.20 -16.41
CA GLU B 119 1.53 2.81 -16.07
C GLU B 119 2.92 2.58 -15.49
N LEU B 120 3.03 1.79 -14.44
CA LEU B 120 4.34 1.47 -13.94
C LEU B 120 4.78 0.18 -14.63
N PRO B 121 5.97 0.21 -15.23
CA PRO B 121 6.49 -0.92 -15.96
C PRO B 121 7.16 -1.85 -14.98
N GLN C 7 24.25 -3.18 -33.02
CA GLN C 7 23.05 -3.13 -32.20
C GLN C 7 22.81 -4.41 -31.40
N SER C 8 22.71 -5.54 -32.08
CA SER C 8 22.54 -6.80 -31.37
C SER C 8 23.87 -7.28 -30.76
N ILE C 9 23.80 -7.84 -29.56
CA ILE C 9 24.98 -8.38 -28.88
C ILE C 9 24.89 -9.91 -28.90
N THR C 10 25.97 -10.60 -29.30
CA THR C 10 25.90 -12.05 -29.30
C THR C 10 26.93 -12.71 -28.39
N ALA C 11 26.65 -13.96 -28.04
CA ALA C 11 27.53 -14.72 -27.17
C ALA C 11 28.91 -14.87 -27.81
N GLY C 12 29.95 -14.72 -27.00
CA GLY C 12 31.32 -14.82 -27.45
C GLY C 12 31.91 -13.47 -27.84
N GLN C 13 31.08 -12.43 -27.84
CA GLN C 13 31.53 -11.11 -28.26
C GLN C 13 32.24 -10.35 -27.13
N LYS C 14 33.40 -9.76 -27.43
CA LYS C 14 34.04 -8.84 -26.49
C LYS C 14 33.25 -7.55 -26.48
N VAL C 15 32.92 -7.09 -25.28
CA VAL C 15 32.17 -5.86 -25.08
C VAL C 15 32.76 -5.10 -23.88
N ILE C 16 32.17 -3.96 -23.56
CA ILE C 16 32.60 -3.17 -22.40
C ILE C 16 31.41 -3.00 -21.47
N SER C 17 31.65 -3.21 -20.18
CA SER C 17 30.60 -3.09 -19.17
C SER C 17 31.20 -2.88 -17.78
N LYS C 18 30.37 -2.45 -16.84
CA LYS C 18 30.87 -2.22 -15.48
C LYS C 18 31.09 -3.51 -14.69
N HIS C 19 32.33 -3.69 -14.27
CA HIS C 19 32.75 -4.70 -13.29
C HIS C 19 32.04 -4.46 -11.95
N LYS C 20 32.06 -5.44 -11.05
CA LYS C 20 31.46 -5.24 -9.73
C LYS C 20 32.15 -4.12 -8.95
N ASN C 21 33.38 -3.78 -9.30
CA ASN C 21 34.06 -2.70 -8.59
C ASN C 21 33.55 -1.32 -9.05
N GLY C 22 32.69 -1.30 -10.06
CA GLY C 22 32.06 -0.07 -10.48
C GLY C 22 32.70 0.64 -11.67
N ARG C 23 33.79 0.10 -12.19
CA ARG C 23 34.42 0.73 -13.34
C ARG C 23 34.16 -0.07 -14.62
N PHE C 24 34.23 0.60 -15.76
CA PHE C 24 34.11 -0.07 -17.05
C PHE C 24 35.40 -0.83 -17.40
N TYR C 25 35.22 -2.07 -17.82
CA TYR C 25 36.29 -2.92 -18.35
C TYR C 25 35.78 -3.69 -19.57
N GLN C 26 36.71 -4.16 -20.41
CA GLN C 26 36.33 -5.12 -21.42
C GLN C 26 35.91 -6.41 -20.72
N CYS C 27 34.83 -7.02 -21.21
CA CYS C 27 34.43 -8.35 -20.75
C CYS C 27 33.95 -9.11 -21.97
N GLU C 28 33.61 -10.38 -21.78
CA GLU C 28 33.12 -11.20 -22.87
C GLU C 28 31.72 -11.74 -22.52
N VAL C 29 30.81 -11.70 -23.49
CA VAL C 29 29.48 -12.25 -23.27
C VAL C 29 29.59 -13.79 -23.28
N VAL C 30 29.29 -14.40 -22.14
CA VAL C 30 29.34 -15.85 -21.96
C VAL C 30 28.10 -16.50 -22.57
N ARG C 31 26.94 -15.88 -22.36
CA ARG C 31 25.68 -16.45 -22.83
C ARG C 31 24.58 -15.43 -22.70
N LEU C 32 23.54 -15.60 -23.52
CA LEU C 32 22.32 -14.82 -23.40
C LEU C 32 21.34 -15.61 -22.54
N THR C 33 20.86 -15.00 -21.46
CA THR C 33 19.95 -15.68 -20.55
C THR C 33 18.56 -15.06 -20.65
N THR C 34 17.56 -15.75 -20.14
CA THR C 34 16.26 -15.12 -19.97
C THR C 34 15.90 -15.07 -18.49
N GLU C 35 15.68 -13.87 -17.98
CA GLU C 35 15.29 -13.66 -16.59
C GLU C 35 13.83 -13.28 -16.51
N THR C 36 13.06 -14.02 -15.72
CA THR C 36 11.65 -13.71 -15.57
C THR C 36 11.39 -12.96 -14.27
N PHE C 37 10.88 -11.74 -14.40
CA PHE C 37 10.53 -10.94 -13.22
C PHE C 37 9.03 -10.91 -13.01
N TYR C 38 8.63 -10.94 -11.75
CA TYR C 38 7.22 -10.86 -11.37
C TYR C 38 6.90 -9.46 -10.84
N GLU C 39 5.71 -8.98 -11.17
CA GLU C 39 5.22 -7.72 -10.65
C GLU C 39 4.05 -7.96 -9.71
N VAL C 40 4.06 -7.29 -8.57
CA VAL C 40 2.99 -7.48 -7.60
C VAL C 40 2.62 -6.15 -6.93
N ASN C 41 1.37 -6.07 -6.51
CA ASN C 41 0.86 -4.99 -5.66
C ASN C 41 0.76 -5.49 -4.24
N PHE C 42 1.54 -4.88 -3.34
CA PHE C 42 1.47 -5.21 -1.94
C PHE C 42 0.15 -4.70 -1.35
N ASP C 43 -0.24 -5.29 -0.22
CA ASP C 43 -1.52 -4.97 0.41
C ASP C 43 -1.62 -3.50 0.80
N ASP C 44 -0.48 -2.84 1.02
CA ASP C 44 -0.54 -1.42 1.35
C ASP C 44 -0.63 -0.55 0.09
N GLY C 45 -0.61 -1.18 -1.09
CA GLY C 45 -0.69 -0.42 -2.33
C GLY C 45 0.66 -0.11 -3.00
N SER C 46 1.76 -0.44 -2.33
CA SER C 46 3.08 -0.28 -2.93
C SER C 46 3.26 -1.33 -4.05
N PHE C 47 4.11 -1.02 -5.02
CA PHE C 47 4.26 -1.85 -6.22
C PHE C 47 5.70 -2.33 -6.39
N SER C 48 5.86 -3.59 -6.73
CA SER C 48 7.19 -4.12 -7.05
C SER C 48 7.22 -4.65 -8.47
N ASP C 49 8.29 -4.35 -9.20
CA ASP C 49 8.33 -4.76 -10.59
C ASP C 49 9.43 -5.80 -10.85
N ASN C 50 10.12 -6.25 -9.81
CA ASN C 50 11.26 -7.13 -10.06
C ASN C 50 11.45 -8.24 -9.05
N LEU C 51 10.34 -8.85 -8.65
CA LEU C 51 10.39 -10.07 -7.86
C LEU C 51 10.87 -11.24 -8.71
N TYR C 52 11.52 -12.20 -8.08
CA TYR C 52 11.80 -13.47 -8.72
C TYR C 52 10.69 -14.45 -8.40
N PRO C 53 10.41 -15.38 -9.32
CA PRO C 53 9.38 -16.39 -9.12
C PRO C 53 9.50 -17.12 -7.77
N GLU C 54 10.73 -17.41 -7.32
CA GLU C 54 10.92 -18.10 -6.05
C GLU C 54 10.52 -17.27 -4.82
N ASP C 55 10.35 -15.95 -5.00
CA ASP C 55 9.95 -15.06 -3.88
C ASP C 55 8.45 -15.15 -3.56
N ILE C 56 7.68 -15.78 -4.43
CA ILE C 56 6.29 -16.09 -4.12
C ILE C 56 6.29 -17.29 -3.16
N VAL C 57 5.80 -17.10 -1.95
CA VAL C 57 5.90 -18.18 -0.95
C VAL C 57 4.55 -18.81 -0.62
N SER C 58 3.51 -18.40 -1.34
CA SER C 58 2.18 -18.99 -1.16
C SER C 58 1.89 -20.09 -2.19
N GLN C 59 2.77 -20.23 -3.18
CA GLN C 59 2.68 -21.30 -4.18
C GLN C 59 4.03 -21.50 -4.82
N ASP C 60 4.18 -22.59 -5.57
CA ASP C 60 5.47 -22.97 -6.14
C ASP C 60 5.53 -22.56 -7.61
N CYS C 61 5.94 -21.32 -7.87
CA CYS C 61 5.90 -20.79 -9.22
C CYS C 61 7.05 -21.33 -10.07
N LEU C 62 8.17 -21.69 -9.44
CA LEU C 62 9.26 -22.29 -10.20
C LEU C 62 8.77 -23.59 -10.81
N GLN C 63 7.88 -24.28 -10.11
CA GLN C 63 7.40 -25.57 -10.59
C GLN C 63 6.13 -25.44 -11.45
N PHE C 64 5.23 -24.52 -11.09
CA PHE C 64 3.94 -24.46 -11.76
C PHE C 64 3.65 -23.17 -12.51
N GLY C 65 4.66 -22.34 -12.69
CA GLY C 65 4.50 -21.10 -13.44
C GLY C 65 3.88 -20.00 -12.59
N PRO C 66 3.62 -18.83 -13.19
CA PRO C 66 3.16 -17.66 -12.44
C PRO C 66 1.75 -17.81 -11.87
N PRO C 67 1.42 -17.04 -10.82
CA PRO C 67 0.03 -17.07 -10.38
C PRO C 67 -0.87 -16.44 -11.43
N ALA C 68 -2.18 -16.61 -11.27
CA ALA C 68 -3.12 -15.98 -12.17
C ALA C 68 -3.11 -14.47 -11.92
N GLU C 69 -3.39 -13.70 -12.97
CA GLU C 69 -3.45 -12.25 -12.83
C GLU C 69 -4.46 -11.89 -11.75
N GLY C 70 -4.05 -11.03 -10.82
CA GLY C 70 -4.92 -10.63 -9.72
C GLY C 70 -4.93 -11.55 -8.50
N GLU C 71 -4.32 -12.72 -8.62
CA GLU C 71 -4.39 -13.70 -7.53
C GLU C 71 -3.71 -13.21 -6.24
N VAL C 72 -4.34 -13.46 -5.10
CA VAL C 72 -3.72 -13.18 -3.81
C VAL C 72 -2.48 -14.05 -3.60
N VAL C 73 -1.38 -13.44 -3.17
CA VAL C 73 -0.14 -14.18 -2.91
C VAL C 73 0.55 -13.68 -1.65
N GLN C 74 1.49 -14.46 -1.13
CA GLN C 74 2.40 -13.96 -0.11
C GLN C 74 3.80 -13.92 -0.70
N VAL C 75 4.53 -12.89 -0.33
CA VAL C 75 5.81 -12.59 -0.94
C VAL C 75 6.88 -12.52 0.15
N ARG C 76 8.01 -13.16 -0.08
CA ARG C 76 9.17 -13.00 0.80
C ARG C 76 10.00 -11.84 0.26
N TRP C 77 10.10 -10.75 1.02
CA TRP C 77 10.74 -9.54 0.51
C TRP C 77 12.24 -9.53 0.82
N THR C 78 12.95 -8.53 0.31
CA THR C 78 14.40 -8.45 0.44
C THR C 78 14.84 -8.18 1.87
N ASP C 79 13.89 -7.86 2.74
CA ASP C 79 14.19 -7.72 4.16
C ASP C 79 13.97 -9.04 4.88
N GLY C 80 13.70 -10.10 4.11
CA GLY C 80 13.48 -11.41 4.70
C GLY C 80 12.12 -11.58 5.36
N GLN C 81 11.28 -10.55 5.30
CA GLN C 81 9.93 -10.63 5.88
C GLN C 81 8.90 -11.03 4.82
N VAL C 82 7.74 -11.49 5.28
CA VAL C 82 6.67 -11.95 4.39
C VAL C 82 5.52 -10.95 4.35
N TYR C 83 5.07 -10.61 3.14
CA TYR C 83 4.00 -9.65 2.94
C TYR C 83 2.89 -10.23 2.06
N GLY C 84 1.66 -9.78 2.29
CA GLY C 84 0.54 -10.15 1.45
C GLY C 84 0.55 -9.31 0.19
N ALA C 85 0.21 -9.90 -0.95
CA ALA C 85 0.18 -9.12 -2.19
C ALA C 85 -0.83 -9.69 -3.17
N LYS C 86 -0.97 -8.99 -4.30
CA LYS C 86 -1.73 -9.50 -5.43
C LYS C 86 -0.82 -9.52 -6.65
N PHE C 87 -0.82 -10.63 -7.37
CA PHE C 87 0.02 -10.77 -8.57
C PHE C 87 -0.47 -9.88 -9.70
N VAL C 88 0.45 -9.13 -10.31
CA VAL C 88 0.07 -8.26 -11.42
C VAL C 88 0.45 -8.88 -12.77
N ALA C 89 1.74 -9.16 -13.00
CA ALA C 89 2.22 -9.67 -14.30
C ALA C 89 3.59 -10.32 -14.19
N SER C 90 3.95 -11.11 -15.20
CA SER C 90 5.31 -11.63 -15.30
C SER C 90 5.91 -11.10 -16.61
N HIS C 91 7.22 -10.89 -16.56
N HIS C 91 7.17 -10.69 -16.56
CA HIS C 91 7.95 -10.10 -17.53
CA HIS C 91 7.80 -10.17 -17.76
C HIS C 91 9.32 -10.75 -17.81
C HIS C 91 9.22 -10.68 -17.89
N PRO C 92 9.44 -11.51 -18.92
CA PRO C 92 10.73 -12.11 -19.27
C PRO C 92 11.65 -11.05 -19.87
N ILE C 93 12.92 -11.03 -19.46
CA ILE C 93 13.87 -10.04 -19.96
C ILE C 93 15.13 -10.72 -20.49
N GLN C 94 15.46 -10.44 -21.74
CA GLN C 94 16.72 -10.88 -22.32
C GLN C 94 17.90 -10.21 -21.60
N MET C 95 18.79 -11.00 -21.02
CA MET C 95 19.97 -10.40 -20.41
C MET C 95 21.28 -11.11 -20.82
N TYR C 96 22.40 -10.55 -20.37
CA TYR C 96 23.71 -10.95 -20.87
C TYR C 96 24.61 -11.31 -19.70
N GLN C 97 25.01 -12.57 -19.64
CA GLN C 97 26.00 -13.00 -18.66
C GLN C 97 27.38 -12.67 -19.24
N VAL C 98 28.12 -11.81 -18.55
CA VAL C 98 29.43 -11.39 -19.03
C VAL C 98 30.51 -11.88 -18.06
N GLU C 99 31.70 -12.11 -18.59
CA GLU C 99 32.83 -12.52 -17.77
C GLU C 99 33.99 -11.54 -17.97
N PHE C 100 34.56 -11.08 -16.85
CA PHE C 100 35.70 -10.18 -16.88
C PHE C 100 37.04 -10.93 -16.81
N GLU C 101 38.12 -10.19 -17.01
CA GLU C 101 39.46 -10.79 -17.07
C GLU C 101 39.80 -11.57 -15.81
N ASP C 102 39.31 -11.10 -14.67
CA ASP C 102 39.61 -11.75 -13.40
C ASP C 102 38.73 -12.97 -13.13
N GLY C 103 37.84 -13.29 -14.08
CA GLY C 103 36.97 -14.43 -13.91
C GLY C 103 35.65 -14.14 -13.24
N SER C 104 35.48 -12.95 -12.69
CA SER C 104 34.20 -12.55 -12.12
C SER C 104 33.14 -12.45 -13.22
N GLN C 105 31.89 -12.70 -12.86
CA GLN C 105 30.79 -12.65 -13.81
C GLN C 105 29.62 -11.85 -13.28
N LEU C 106 28.85 -11.29 -14.20
CA LEU C 106 27.65 -10.54 -13.90
C LEU C 106 26.61 -10.87 -14.94
N VAL C 107 25.34 -10.70 -14.57
CA VAL C 107 24.23 -10.82 -15.51
C VAL C 107 23.62 -9.43 -15.68
N VAL C 108 23.74 -8.86 -16.88
CA VAL C 108 23.41 -7.45 -17.05
C VAL C 108 22.40 -7.19 -18.16
N LYS C 109 21.81 -5.99 -18.14
CA LYS C 109 20.81 -5.61 -19.13
C LYS C 109 21.47 -5.08 -20.40
N ARG C 110 20.74 -5.06 -21.51
CA ARG C 110 21.30 -4.62 -22.79
C ARG C 110 21.91 -3.21 -22.70
N ASP C 111 21.25 -2.34 -21.95
CA ASP C 111 21.64 -0.94 -21.84
C ASP C 111 22.96 -0.74 -21.09
N ASP C 112 23.37 -1.75 -20.34
CA ASP C 112 24.63 -1.70 -19.61
C ASP C 112 25.82 -2.29 -20.41
N VAL C 113 25.58 -2.67 -21.65
CA VAL C 113 26.64 -3.24 -22.48
C VAL C 113 26.99 -2.26 -23.59
N TYR C 114 28.28 -2.12 -23.85
CA TYR C 114 28.77 -1.24 -24.91
C TYR C 114 29.69 -2.02 -25.84
N THR C 115 29.64 -1.70 -27.13
CA THR C 115 30.54 -2.32 -28.09
C THR C 115 31.89 -1.58 -28.09
N LEU C 116 32.95 -2.22 -28.57
CA LEU C 116 34.29 -1.64 -28.47
C LEU C 116 34.43 -0.32 -29.24
N ASP C 117 33.62 -0.15 -30.29
CA ASP C 117 33.72 1.03 -31.12
C ASP C 117 32.98 2.24 -30.57
N GLU C 118 32.18 2.06 -29.52
CA GLU C 118 31.32 3.19 -29.14
C GLU C 118 31.86 3.97 -27.93
N GLU C 119 31.53 5.26 -27.92
CA GLU C 119 31.92 6.15 -26.86
C GLU C 119 31.25 5.73 -25.55
N LEU C 120 31.99 5.75 -24.46
CA LEU C 120 31.37 5.43 -23.18
C LEU C 120 30.84 6.74 -22.60
N PRO C 121 29.57 6.73 -22.19
CA PRO C 121 28.93 7.94 -21.71
C PRO C 121 29.29 8.12 -20.26
N GLN D 7 -25.62 -13.57 44.07
CA GLN D 7 -24.73 -13.86 42.96
C GLN D 7 -25.15 -13.09 41.70
N SER D 8 -26.42 -13.19 41.32
CA SER D 8 -26.91 -12.45 40.16
C SER D 8 -27.03 -10.95 40.48
N ILE D 9 -26.67 -10.14 39.49
CA ILE D 9 -26.76 -8.67 39.61
C ILE D 9 -27.90 -8.17 38.73
N THR D 10 -28.79 -7.33 39.25
CA THR D 10 -29.87 -6.85 38.41
C THR D 10 -29.89 -5.33 38.22
N ALA D 11 -30.55 -4.90 37.15
CA ALA D 11 -30.65 -3.48 36.87
C ALA D 11 -31.36 -2.77 38.02
N GLY D 12 -30.86 -1.60 38.39
CA GLY D 12 -31.42 -0.81 39.47
C GLY D 12 -30.74 -1.07 40.80
N GLN D 13 -29.86 -2.06 40.83
CA GLN D 13 -29.20 -2.46 42.07
C GLN D 13 -28.00 -1.58 42.41
N LYS D 14 -27.92 -1.13 43.66
CA LYS D 14 -26.71 -0.45 44.11
C LYS D 14 -25.63 -1.50 44.28
N VAL D 15 -24.46 -1.23 43.71
CA VAL D 15 -23.32 -2.13 43.83
C VAL D 15 -22.04 -1.32 44.06
N ILE D 16 -20.91 -2.02 44.16
CA ILE D 16 -19.63 -1.36 44.32
C ILE D 16 -18.71 -1.75 43.17
N SER D 17 -18.05 -0.77 42.58
CA SER D 17 -17.16 -1.04 41.44
C SER D 17 -16.16 0.09 41.26
N LYS D 18 -15.11 -0.15 40.47
CA LYS D 18 -14.11 0.90 40.26
C LYS D 18 -14.57 1.98 39.29
N HIS D 19 -14.59 3.21 39.79
CA HIS D 19 -14.74 4.45 39.01
C HIS D 19 -13.57 4.58 38.01
N LYS D 20 -13.70 5.46 37.03
CA LYS D 20 -12.60 5.67 36.09
C LYS D 20 -11.36 6.20 36.79
N ASN D 21 -11.50 6.80 37.97
CA ASN D 21 -10.32 7.29 38.67
C ASN D 21 -9.52 6.16 39.34
N GLY D 22 -10.06 4.95 39.29
CA GLY D 22 -9.34 3.77 39.78
C GLY D 22 -9.69 3.31 41.18
N ARG D 23 -10.59 4.02 41.84
N ARG D 23 -10.55 4.04 41.87
CA ARG D 23 -11.01 3.68 43.19
CA ARG D 23 -10.99 3.61 43.20
C ARG D 23 -12.41 3.05 43.21
C ARG D 23 -12.39 3.03 43.19
N PHE D 24 -12.67 2.22 44.22
CA PHE D 24 -14.00 1.65 44.42
C PHE D 24 -14.93 2.69 45.02
N TYR D 25 -16.12 2.81 44.41
CA TYR D 25 -17.22 3.62 44.90
C TYR D 25 -18.52 2.84 44.75
N GLN D 26 -19.54 3.23 45.49
CA GLN D 26 -20.88 2.74 45.21
C GLN D 26 -21.32 3.27 43.84
N CYS D 27 -21.95 2.42 43.04
CA CYS D 27 -22.57 2.88 41.81
C CYS D 27 -23.88 2.14 41.66
N GLU D 28 -24.65 2.48 40.62
CA GLU D 28 -25.91 1.80 40.39
C GLU D 28 -25.91 1.15 39.00
N VAL D 29 -26.39 -0.08 38.91
CA VAL D 29 -26.50 -0.74 37.61
C VAL D 29 -27.67 -0.11 36.84
N VAL D 30 -27.34 0.55 35.72
CA VAL D 30 -28.29 1.21 34.83
C VAL D 30 -28.99 0.20 33.93
N ARG D 31 -28.22 -0.77 33.46
N ARG D 31 -28.22 -0.75 33.41
CA ARG D 31 -28.68 -1.68 32.42
CA ARG D 31 -28.80 -1.78 32.55
C ARG D 31 -27.77 -2.89 32.28
C ARG D 31 -27.80 -2.90 32.33
N LEU D 32 -28.34 -4.03 31.89
CA LEU D 32 -27.54 -5.20 31.53
C LEU D 32 -27.41 -5.16 30.00
N THR D 33 -26.18 -5.16 29.50
CA THR D 33 -25.97 -5.09 28.06
C THR D 33 -25.39 -6.40 27.56
N THR D 34 -25.43 -6.59 26.24
CA THR D 34 -24.69 -7.69 25.63
C THR D 34 -23.64 -7.12 24.68
N GLU D 35 -22.38 -7.46 24.96
CA GLU D 35 -21.26 -7.04 24.13
C GLU D 35 -20.76 -8.22 23.32
N THR D 36 -20.67 -8.05 22.00
CA THR D 36 -20.16 -9.13 21.16
C THR D 36 -18.70 -8.86 20.77
N PHE D 37 -17.81 -9.76 21.18
CA PHE D 37 -16.40 -9.65 20.84
C PHE D 37 -16.03 -10.65 19.75
N TYR D 38 -15.16 -10.23 18.85
CA TYR D 38 -14.66 -11.10 17.79
C TYR D 38 -13.24 -11.56 18.10
N GLU D 39 -12.94 -12.80 17.77
CA GLU D 39 -11.59 -13.34 17.87
C GLU D 39 -11.01 -13.58 16.49
N VAL D 40 -9.76 -13.18 16.30
CA VAL D 40 -9.11 -13.37 15.00
C VAL D 40 -7.65 -13.76 15.20
N ASN D 41 -7.13 -14.49 14.22
CA ASN D 41 -5.71 -14.75 14.08
C ASN D 41 -5.15 -13.84 13.02
N PHE D 42 -4.22 -12.98 13.43
CA PHE D 42 -3.54 -12.12 12.47
C PHE D 42 -2.62 -12.94 11.58
N ASP D 43 -2.27 -12.39 10.42
CA ASP D 43 -1.44 -13.11 9.45
C ASP D 43 -0.06 -13.48 10.01
N ASP D 44 0.42 -12.76 11.02
CA ASP D 44 1.71 -13.14 11.61
C ASP D 44 1.54 -14.22 12.69
N GLY D 45 0.30 -14.64 12.93
CA GLY D 45 0.04 -15.68 13.92
C GLY D 45 -0.35 -15.17 15.31
N SER D 46 -0.29 -13.85 15.51
CA SER D 46 -0.74 -13.28 16.78
C SER D 46 -2.26 -13.37 16.87
N PHE D 47 -2.78 -13.41 18.10
CA PHE D 47 -4.20 -13.66 18.34
C PHE D 47 -4.84 -12.53 19.11
N SER D 48 -6.03 -12.12 18.67
CA SER D 48 -6.82 -11.13 19.40
C SER D 48 -8.17 -11.71 19.82
N ASP D 49 -8.58 -11.44 21.05
CA ASP D 49 -9.81 -12.04 21.55
C ASP D 49 -10.89 -10.99 21.82
N ASN D 50 -10.62 -9.72 21.52
CA ASN D 50 -11.59 -8.70 21.92
C ASN D 50 -11.76 -7.58 20.90
N LEU D 51 -11.79 -7.96 19.63
CA LEU D 51 -12.17 -7.04 18.58
C LEU D 51 -13.66 -6.75 18.66
N TYR D 52 -14.06 -5.56 18.23
CA TYR D 52 -15.48 -5.26 18.03
C TYR D 52 -15.85 -5.55 16.58
N PRO D 53 -17.11 -5.94 16.33
CA PRO D 53 -17.59 -6.21 14.97
C PRO D 53 -17.25 -5.09 13.98
N GLU D 54 -17.35 -3.83 14.40
CA GLU D 54 -17.07 -2.71 13.50
C GLU D 54 -15.59 -2.62 13.09
N ASP D 55 -14.71 -3.32 13.81
CA ASP D 55 -13.27 -3.31 13.49
C ASP D 55 -12.92 -4.20 12.28
N ILE D 56 -13.86 -5.05 11.86
CA ILE D 56 -13.68 -5.78 10.61
C ILE D 56 -13.95 -4.81 9.45
N VAL D 57 -12.95 -4.56 8.60
CA VAL D 57 -13.14 -3.52 7.58
C VAL D 57 -13.20 -4.09 6.16
N SER D 58 -13.21 -5.42 6.07
CA SER D 58 -13.36 -6.11 4.78
C SER D 58 -14.80 -6.51 4.49
N GLN D 59 -15.67 -6.37 5.49
CA GLN D 59 -17.10 -6.63 5.32
C GLN D 59 -17.85 -5.91 6.42
N ASP D 60 -19.16 -5.81 6.28
CA ASP D 60 -19.99 -5.02 7.20
C ASP D 60 -20.66 -5.95 8.21
N CYS D 61 -19.97 -6.21 9.30
CA CYS D 61 -20.46 -7.18 10.28
C CYS D 61 -21.57 -6.61 11.16
N LEU D 62 -21.59 -5.29 11.37
CA LEU D 62 -22.69 -4.69 12.12
C LEU D 62 -23.98 -4.95 11.37
N GLN D 63 -23.91 -4.99 10.04
CA GLN D 63 -25.11 -5.15 9.23
C GLN D 63 -25.42 -6.61 8.90
N PHE D 64 -24.39 -7.41 8.65
CA PHE D 64 -24.62 -8.77 8.17
C PHE D 64 -24.08 -9.87 9.07
N GLY D 65 -23.70 -9.52 10.29
CA GLY D 65 -23.24 -10.51 11.25
C GLY D 65 -21.79 -10.89 11.03
N PRO D 66 -21.28 -11.84 11.82
CA PRO D 66 -19.86 -12.20 11.81
C PRO D 66 -19.42 -12.90 10.53
N PRO D 67 -18.12 -12.86 10.22
CA PRO D 67 -17.62 -13.61 9.07
C PRO D 67 -17.79 -15.10 9.33
N ALA D 68 -17.63 -15.90 8.28
CA ALA D 68 -17.64 -17.34 8.44
C ALA D 68 -16.39 -17.75 9.21
N GLU D 69 -16.46 -18.82 9.98
CA GLU D 69 -15.31 -19.32 10.70
C GLU D 69 -14.15 -19.59 9.72
N GLY D 70 -12.96 -19.07 10.04
CA GLY D 70 -11.80 -19.25 9.17
C GLY D 70 -11.67 -18.24 8.02
N GLU D 71 -12.70 -17.43 7.80
CA GLU D 71 -12.71 -16.52 6.67
C GLU D 71 -11.61 -15.46 6.75
N VAL D 72 -10.96 -15.21 5.62
CA VAL D 72 -9.98 -14.13 5.52
C VAL D 72 -10.65 -12.78 5.73
N VAL D 73 -10.06 -11.94 6.58
CA VAL D 73 -10.60 -10.60 6.85
C VAL D 73 -9.50 -9.53 6.95
N GLN D 74 -9.90 -8.27 6.87
CA GLN D 74 -9.00 -7.19 7.25
C GLN D 74 -9.54 -6.50 8.48
N VAL D 75 -8.62 -6.11 9.35
CA VAL D 75 -8.96 -5.61 10.66
C VAL D 75 -8.31 -4.23 10.86
N ARG D 76 -9.08 -3.28 11.38
CA ARG D 76 -8.54 -1.99 11.80
C ARG D 76 -8.14 -2.11 13.26
N TRP D 77 -6.85 -2.01 13.56
CA TRP D 77 -6.37 -2.26 14.91
C TRP D 77 -6.38 -0.97 15.74
N THR D 78 -6.06 -1.09 17.03
CA THR D 78 -6.11 0.04 17.95
C THR D 78 -5.04 1.08 17.67
N ASP D 79 -4.10 0.74 16.81
CA ASP D 79 -3.11 1.70 16.36
C ASP D 79 -3.59 2.41 15.10
N GLY D 80 -4.85 2.17 14.71
CA GLY D 80 -5.40 2.80 13.53
C GLY D 80 -4.91 2.22 12.21
N GLN D 81 -4.07 1.19 12.28
CA GLN D 81 -3.57 0.55 11.07
C GLN D 81 -4.42 -0.67 10.70
N VAL D 82 -4.31 -1.10 9.44
CA VAL D 82 -5.09 -2.23 8.94
C VAL D 82 -4.22 -3.47 8.78
N TYR D 83 -4.70 -4.61 9.27
CA TYR D 83 -3.96 -5.86 9.21
C TYR D 83 -4.79 -6.98 8.60
N GLY D 84 -4.12 -7.91 7.95
CA GLY D 84 -4.76 -9.10 7.41
C GLY D 84 -4.97 -10.10 8.54
N ALA D 85 -6.12 -10.79 8.53
CA ALA D 85 -6.37 -11.78 9.56
C ALA D 85 -7.31 -12.88 9.07
N LYS D 86 -7.53 -13.86 9.94
CA LYS D 86 -8.55 -14.88 9.72
C LYS D 86 -9.51 -14.89 10.90
N PHE D 87 -10.81 -14.89 10.62
CA PHE D 87 -11.81 -14.89 11.69
C PHE D 87 -11.84 -16.21 12.43
N VAL D 88 -11.83 -16.15 13.76
CA VAL D 88 -11.85 -17.36 14.57
C VAL D 88 -13.26 -17.62 15.14
N ALA D 89 -13.77 -16.70 15.95
CA ALA D 89 -15.08 -16.90 16.60
C ALA D 89 -15.66 -15.58 17.11
N SER D 90 -16.96 -15.59 17.39
CA SER D 90 -17.56 -14.45 18.08
C SER D 90 -18.12 -14.91 19.41
N HIS D 91 -18.04 -14.07 20.42
N HIS D 91 -18.12 -13.97 20.34
CA HIS D 91 -18.43 -14.51 21.75
CA HIS D 91 -18.22 -14.22 21.78
C HIS D 91 -19.08 -13.34 22.49
C HIS D 91 -19.10 -13.14 22.45
N PRO D 92 -20.40 -13.41 22.62
CA PRO D 92 -21.23 -12.41 23.32
C PRO D 92 -21.03 -12.51 24.83
N ILE D 93 -20.90 -11.38 25.48
CA ILE D 93 -20.64 -11.32 26.92
C ILE D 93 -21.66 -10.42 27.64
N GLN D 94 -22.31 -10.97 28.64
CA GLN D 94 -23.18 -10.17 29.50
C GLN D 94 -22.36 -9.13 30.26
N MET D 95 -22.71 -7.86 30.11
CA MET D 95 -21.99 -6.83 30.83
C MET D 95 -22.95 -5.91 31.59
N TYR D 96 -22.39 -5.01 32.40
CA TYR D 96 -23.17 -4.20 33.33
C TYR D 96 -22.81 -2.74 33.13
N GLN D 97 -23.77 -1.95 32.68
CA GLN D 97 -23.58 -0.53 32.58
C GLN D 97 -23.88 0.08 33.96
N VAL D 98 -22.87 0.70 34.57
CA VAL D 98 -23.02 1.25 35.92
C VAL D 98 -22.88 2.76 35.88
N GLU D 99 -23.56 3.43 36.81
CA GLU D 99 -23.47 4.88 36.89
C GLU D 99 -23.03 5.28 38.30
N PHE D 100 -22.03 6.15 38.37
CA PHE D 100 -21.54 6.64 39.65
C PHE D 100 -22.23 7.94 40.06
N GLU D 101 -21.98 8.38 41.29
CA GLU D 101 -22.63 9.56 41.86
C GLU D 101 -22.41 10.81 41.03
N ASP D 102 -21.25 10.92 40.41
CA ASP D 102 -20.93 12.10 39.62
C ASP D 102 -21.55 12.03 38.22
N GLY D 103 -22.27 10.96 37.94
CA GLY D 103 -22.90 10.81 36.65
C GLY D 103 -22.08 10.10 35.60
N SER D 104 -20.81 9.85 35.88
CA SER D 104 -19.97 9.08 34.96
C SER D 104 -20.46 7.64 34.86
N GLN D 105 -20.24 7.01 33.71
CA GLN D 105 -20.70 5.63 33.50
C GLN D 105 -19.60 4.75 32.92
N LEU D 106 -19.71 3.46 33.19
CA LEU D 106 -18.81 2.46 32.67
C LEU D 106 -19.61 1.24 32.31
N VAL D 107 -19.09 0.45 31.39
CA VAL D 107 -19.65 -0.87 31.07
C VAL D 107 -18.65 -1.91 31.51
N VAL D 108 -19.02 -2.72 32.50
CA VAL D 108 -18.05 -3.59 33.16
C VAL D 108 -18.45 -5.05 33.20
N LYS D 109 -17.48 -5.90 33.51
CA LYS D 109 -17.71 -7.33 33.56
C LYS D 109 -18.24 -7.72 34.94
N ARG D 110 -18.89 -8.88 35.02
CA ARG D 110 -19.49 -9.35 36.27
C ARG D 110 -18.47 -9.39 37.42
N ASP D 111 -17.26 -9.80 37.10
CA ASP D 111 -16.22 -9.97 38.10
C ASP D 111 -15.74 -8.64 38.68
N ASP D 112 -16.03 -7.53 37.99
CA ASP D 112 -15.64 -6.21 38.50
C ASP D 112 -16.74 -5.54 39.35
N VAL D 113 -17.81 -6.28 39.59
CA VAL D 113 -18.93 -5.74 40.39
C VAL D 113 -19.01 -6.47 41.72
N TYR D 114 -19.24 -5.72 42.79
CA TYR D 114 -19.36 -6.27 44.13
C TYR D 114 -20.67 -5.83 44.78
N THR D 115 -21.28 -6.71 45.57
CA THR D 115 -22.48 -6.33 46.31
C THR D 115 -22.11 -5.61 47.60
N LEU D 116 -23.04 -4.84 48.18
CA LEU D 116 -22.70 -4.03 49.37
C LEU D 116 -22.24 -4.86 50.57
N ASP D 117 -22.69 -6.11 50.63
CA ASP D 117 -22.38 -6.94 51.78
C ASP D 117 -21.01 -7.62 51.71
N GLU D 118 -20.34 -7.56 50.56
CA GLU D 118 -19.16 -8.39 50.45
C GLU D 118 -17.84 -7.61 50.63
N GLU D 119 -16.84 -8.34 51.13
CA GLU D 119 -15.52 -7.77 51.34
C GLU D 119 -14.89 -7.39 50.00
N LEU D 120 -14.24 -6.23 49.96
CA LEU D 120 -13.52 -5.80 48.76
C LEU D 120 -12.07 -6.29 48.82
N PRO D 121 -11.56 -6.81 47.69
CA PRO D 121 -10.25 -7.43 47.60
C PRO D 121 -9.15 -6.53 48.12
#